data_5AP8
#
_entry.id   5AP8
#
_cell.length_a   49.590
_cell.length_b   62.486
_cell.length_c   196.640
_cell.angle_alpha   90.00
_cell.angle_beta   90.00
_cell.angle_gamma   90.00
#
_symmetry.space_group_name_H-M   'P 21 21 21'
#
loop_
_entity.id
_entity.type
_entity.pdbx_description
1 polymer TSR3
2 water water
#
_entity_poly.entity_id   1
_entity_poly.type   'polypeptide(L)'
_entity_poly.pdbx_seq_one_letter_code
;MKVYIIDYHKDDPKRCTGKKLVKLKIAEFTRVGKGVVLDPFAQITLSNKDKDIVRRIGITIVDTSWNNTSQSEFKNIRGE
HRRIPILFAGNPIHYGIAYKLSSIEALIATLYIVDEVEEAIKLSNVVKWGHTFIELNKELLEAYKNKTEEDIKKIEREII
EKILEK
;
_entity_poly.pdbx_strand_id   A,B,C
#
# COMPACT_ATOMS: atom_id res chain seq x y z
N MET A 1 20.08 19.23 10.79
CA MET A 1 20.73 20.15 9.85
C MET A 1 19.72 21.12 9.27
N LYS A 2 20.19 22.13 8.55
CA LYS A 2 19.32 23.08 7.91
C LYS A 2 18.74 22.49 6.62
N VAL A 3 17.46 22.74 6.37
CA VAL A 3 16.79 22.23 5.17
C VAL A 3 16.08 23.35 4.41
N TYR A 4 16.32 23.42 3.11
CA TYR A 4 15.71 24.47 2.28
C TYR A 4 14.84 23.85 1.20
N ILE A 5 13.82 24.60 0.78
CA ILE A 5 12.89 24.11 -0.22
C ILE A 5 12.63 25.14 -1.31
N ILE A 6 12.81 24.73 -2.56
CA ILE A 6 12.51 25.59 -3.70
C ILE A 6 11.16 25.21 -4.31
N ASP A 7 10.26 26.19 -4.41
CA ASP A 7 8.92 25.97 -4.97
C ASP A 7 8.62 27.02 -6.03
N TYR A 8 7.99 26.58 -7.13
CA TYR A 8 7.67 27.48 -8.23
C TYR A 8 6.72 28.60 -7.81
N GLY A 18 5.11 20.84 -0.08
CA GLY A 18 5.81 20.38 1.11
C GLY A 18 5.50 21.24 2.32
N LYS A 19 4.25 21.20 2.77
CA LYS A 19 3.81 22.04 3.87
C LYS A 19 4.28 21.51 5.23
N LYS A 20 4.51 20.21 5.29
CA LYS A 20 4.77 19.53 6.56
C LYS A 20 6.05 20.03 7.24
N LEU A 21 7.18 19.87 6.57
CA LEU A 21 8.49 20.23 7.13
C LEU A 21 8.59 21.71 7.48
N VAL A 22 7.88 22.55 6.73
CA VAL A 22 7.85 23.99 6.98
C VAL A 22 7.06 24.31 8.24
N LYS A 23 5.95 23.62 8.42
CA LYS A 23 5.13 23.81 9.61
C LYS A 23 5.84 23.29 10.87
N LEU A 24 6.62 22.22 10.71
CA LEU A 24 7.35 21.60 11.82
C LEU A 24 8.73 22.17 12.07
N LYS A 25 9.00 23.38 11.59
CA LYS A 25 10.21 24.14 11.97
C LYS A 25 11.47 23.58 11.28
N ILE A 26 11.33 22.47 10.55
CA ILE A 26 12.49 21.76 10.00
C ILE A 26 13.03 22.34 8.69
N ALA A 27 12.16 22.97 7.90
CA ALA A 27 12.58 23.51 6.62
C ALA A 27 12.01 24.89 6.35
N GLU A 28 12.66 25.62 5.44
CA GLU A 28 12.21 26.94 5.04
C GLU A 28 12.25 27.08 3.53
N PHE A 29 11.55 28.07 2.99
CA PHE A 29 11.56 28.30 1.57
C PHE A 29 12.77 29.14 1.16
N THR A 30 13.19 28.99 -0.09
CA THR A 30 14.31 29.75 -0.60
C THR A 30 14.16 29.94 -2.11
N ARG A 31 14.84 30.94 -2.64
CA ARG A 31 14.89 31.15 -4.08
C ARG A 31 16.23 30.63 -4.61
N VAL A 32 17.24 30.66 -3.75
CA VAL A 32 18.57 30.21 -4.13
C VAL A 32 18.90 28.90 -3.42
N GLY A 33 19.38 27.93 -4.19
CA GLY A 33 19.78 26.65 -3.63
C GLY A 33 20.95 26.80 -2.66
N LYS A 34 20.95 26.00 -1.60
CA LYS A 34 22.03 26.05 -0.61
C LYS A 34 22.42 24.64 -0.17
N GLY A 35 23.71 24.39 -0.06
CA GLY A 35 24.22 23.13 0.46
C GLY A 35 24.22 22.02 -0.57
N VAL A 36 23.75 20.84 -0.18
CA VAL A 36 23.58 19.76 -1.14
C VAL A 36 22.16 19.79 -1.73
N VAL A 37 22.09 19.87 -3.05
CA VAL A 37 20.81 19.85 -3.77
C VAL A 37 20.50 18.45 -4.28
N LEU A 38 19.46 17.82 -3.76
CA LEU A 38 19.06 16.51 -4.24
C LEU A 38 18.52 16.63 -5.66
N ASP A 39 19.22 16.01 -6.61
CA ASP A 39 18.93 16.14 -8.03
C ASP A 39 18.97 14.78 -8.71
N PRO A 40 17.81 14.28 -9.16
CA PRO A 40 17.74 13.00 -9.87
C PRO A 40 18.50 13.02 -11.19
N PHE A 41 18.75 14.21 -11.71
CA PHE A 41 19.45 14.38 -12.98
C PHE A 41 20.95 14.57 -12.79
N ALA A 42 21.39 14.63 -11.54
CA ALA A 42 22.80 14.82 -11.23
C ALA A 42 23.61 13.57 -11.53
N GLN A 43 24.82 13.75 -12.06
CA GLN A 43 25.69 12.63 -12.36
C GLN A 43 26.40 12.13 -11.12
N ILE A 44 26.69 13.03 -10.19
CA ILE A 44 27.37 12.67 -8.95
C ILE A 44 26.36 12.11 -7.94
N THR A 45 26.68 10.96 -7.38
CA THR A 45 25.80 10.30 -6.41
C THR A 45 26.19 10.68 -4.98
N LEU A 46 25.18 10.88 -4.13
CA LEU A 46 25.40 11.25 -2.74
C LEU A 46 26.29 10.23 -2.02
N SER A 47 27.23 10.73 -1.22
CA SER A 47 28.16 9.84 -0.51
C SER A 47 28.66 10.47 0.80
N ASN A 48 29.75 9.93 1.33
CA ASN A 48 30.29 10.43 2.60
C ASN A 48 31.21 11.64 2.42
N LYS A 49 31.23 12.19 1.21
CA LYS A 49 32.02 13.37 0.93
C LYS A 49 31.13 14.62 0.96
N ASP A 50 29.82 14.38 0.92
CA ASP A 50 28.84 15.47 0.99
C ASP A 50 28.45 15.68 2.45
N LYS A 51 29.08 14.90 3.32
CA LYS A 51 28.78 14.88 4.75
C LYS A 51 28.96 16.24 5.43
N ASP A 52 30.11 16.88 5.23
CA ASP A 52 30.39 18.15 5.91
C ASP A 52 29.65 19.33 5.29
N ILE A 53 29.37 19.25 3.99
CA ILE A 53 28.55 20.26 3.34
C ILE A 53 27.13 20.23 3.92
N VAL A 54 26.61 19.02 4.14
CA VAL A 54 25.29 18.86 4.73
C VAL A 54 25.23 19.40 6.15
N ARG A 55 26.27 19.12 6.95
CA ARG A 55 26.32 19.57 8.35
C ARG A 55 26.43 21.08 8.50
N ARG A 56 27.22 21.71 7.64
CA ARG A 56 27.55 23.11 7.80
C ARG A 56 26.59 24.01 7.04
N ILE A 57 26.23 23.60 5.82
CA ILE A 57 25.37 24.42 4.98
C ILE A 57 23.93 23.89 4.95
N GLY A 58 23.78 22.61 4.62
CA GLY A 58 22.48 21.98 4.67
C GLY A 58 22.06 21.25 3.41
N ILE A 59 20.74 21.16 3.24
CA ILE A 59 20.13 20.37 2.17
C ILE A 59 19.01 21.16 1.49
N THR A 60 19.05 21.20 0.17
CA THR A 60 18.02 21.89 -0.60
C THR A 60 17.13 20.91 -1.37
N ILE A 61 15.83 21.08 -1.21
CA ILE A 61 14.83 20.22 -1.87
C ILE A 61 14.03 20.98 -2.91
N VAL A 62 13.89 20.40 -4.10
CA VAL A 62 13.01 20.93 -5.12
C VAL A 62 11.68 20.16 -5.05
N ASP A 63 10.60 20.85 -4.69
CA ASP A 63 9.33 20.18 -4.47
C ASP A 63 8.69 19.78 -5.80
N THR A 64 8.78 18.49 -6.11
CA THR A 64 8.29 17.98 -7.39
C THR A 64 8.14 16.47 -7.36
N SER A 65 7.61 15.92 -8.46
CA SER A 65 7.38 14.49 -8.59
C SER A 65 8.42 13.86 -9.50
N TRP A 66 8.67 12.57 -9.30
CA TRP A 66 9.65 11.84 -10.10
C TRP A 66 9.19 11.69 -11.55
N ASN A 67 7.88 11.61 -11.76
CA ASN A 67 7.33 11.36 -13.08
C ASN A 67 7.25 12.57 -14.00
N ASN A 68 6.85 13.72 -13.46
CA ASN A 68 6.59 14.87 -14.32
C ASN A 68 7.66 15.97 -14.19
N THR A 69 8.75 15.67 -13.50
CA THR A 69 9.85 16.62 -13.41
C THR A 69 10.70 16.55 -14.67
N SER A 70 11.48 17.60 -14.91
CA SER A 70 12.43 17.63 -16.00
C SER A 70 13.71 18.27 -15.50
N GLN A 71 14.77 18.24 -16.30
CA GLN A 71 16.04 18.78 -15.84
C GLN A 71 16.04 20.31 -15.91
N SER A 72 15.01 20.86 -16.53
CA SER A 72 14.88 22.31 -16.66
C SER A 72 14.64 22.99 -15.31
N GLU A 73 13.99 22.28 -14.40
CA GLU A 73 13.69 22.85 -13.09
C GLU A 73 14.79 22.55 -12.07
N PHE A 74 15.76 21.73 -12.45
CA PHE A 74 16.90 21.43 -11.60
C PHE A 74 18.20 22.06 -12.11
N LYS A 75 18.19 22.51 -13.36
CA LYS A 75 19.41 22.80 -14.09
C LYS A 75 20.30 23.88 -13.46
N ASN A 76 19.75 25.06 -13.23
CA ASN A 76 20.54 26.19 -12.74
C ASN A 76 20.36 26.48 -11.25
N ILE A 77 20.11 25.44 -10.46
CA ILE A 77 20.02 25.60 -9.02
C ILE A 77 21.42 25.66 -8.42
N ARG A 78 21.67 26.68 -7.60
CA ARG A 78 22.96 26.87 -6.97
C ARG A 78 23.22 25.81 -5.90
N GLY A 79 24.46 25.32 -5.83
CA GLY A 79 24.84 24.34 -4.83
C GLY A 79 25.39 23.06 -5.41
N GLU A 80 25.66 22.09 -4.55
CA GLU A 80 26.22 20.81 -4.96
C GLU A 80 25.13 19.81 -5.30
N HIS A 81 25.06 19.43 -6.58
CA HIS A 81 24.01 18.53 -7.06
C HIS A 81 24.35 17.05 -6.84
N ARG A 82 23.48 16.36 -6.09
CA ARG A 82 23.66 14.95 -5.79
C ARG A 82 22.39 14.14 -6.05
N ARG A 83 22.53 12.97 -6.64
CA ARG A 83 21.38 12.08 -6.81
C ARG A 83 21.36 11.05 -5.68
N ILE A 84 20.18 10.51 -5.41
CA ILE A 84 20.04 9.48 -4.38
C ILE A 84 20.02 8.11 -5.03
N PRO A 85 20.83 7.17 -4.49
CA PRO A 85 20.86 5.79 -5.00
C PRO A 85 19.51 5.10 -4.88
N ILE A 86 19.35 3.93 -5.50
CA ILE A 86 18.07 3.23 -5.52
C ILE A 86 17.50 2.97 -4.13
N LEU A 87 16.26 3.39 -3.94
CA LEU A 87 15.52 3.17 -2.69
C LEU A 87 14.04 3.03 -3.02
N PHE A 88 13.27 2.51 -2.06
CA PHE A 88 11.87 2.21 -2.31
C PHE A 88 10.96 2.98 -1.37
N ALA A 89 9.95 3.66 -1.94
CA ALA A 89 9.02 4.46 -1.16
C ALA A 89 8.30 3.62 -0.11
N GLY A 90 8.22 4.15 1.11
CA GLY A 90 7.57 3.45 2.20
C GLY A 90 6.27 4.13 2.60
N ASN A 91 5.78 5.02 1.75
CA ASN A 91 4.53 5.72 2.02
C ASN A 91 3.35 4.91 1.48
N PRO A 92 2.16 5.12 2.04
CA PRO A 92 0.98 4.32 1.62
C PRO A 92 0.46 4.65 0.23
N ILE A 93 1.13 5.52 -0.51
CA ILE A 93 0.68 5.87 -1.85
C ILE A 93 1.54 5.25 -2.94
N HIS A 94 2.86 5.24 -2.73
CA HIS A 94 3.79 4.70 -3.71
C HIS A 94 4.63 3.56 -3.14
N TYR A 95 4.08 2.87 -2.15
CA TYR A 95 4.77 1.79 -1.46
C TYR A 95 5.39 0.79 -2.42
N GLY A 96 6.67 0.51 -2.24
CA GLY A 96 7.35 -0.50 -3.04
C GLY A 96 8.00 -0.01 -4.33
N ILE A 97 7.53 1.11 -4.85
CA ILE A 97 8.03 1.64 -6.12
C ILE A 97 9.38 2.33 -5.96
N ALA A 98 10.32 2.00 -6.84
CA ALA A 98 11.68 2.51 -6.76
C ALA A 98 11.80 3.99 -7.10
N TYR A 99 12.77 4.66 -6.49
CA TYR A 99 13.12 6.05 -6.78
C TYR A 99 12.04 7.08 -6.44
N LYS A 100 10.79 6.64 -6.33
CA LYS A 100 9.65 7.54 -6.13
C LYS A 100 9.51 8.00 -4.69
N LEU A 101 10.56 8.61 -4.15
CA LEU A 101 10.56 9.05 -2.76
C LEU A 101 9.89 10.40 -2.57
N SER A 102 9.17 10.56 -1.46
CA SER A 102 8.63 11.86 -1.08
C SER A 102 9.74 12.74 -0.54
N SER A 103 9.42 13.98 -0.18
CA SER A 103 10.44 14.92 0.27
C SER A 103 11.03 14.50 1.60
N ILE A 104 10.18 14.00 2.51
CA ILE A 104 10.67 13.63 3.83
C ILE A 104 11.45 12.31 3.76
N GLU A 105 11.13 11.47 2.79
CA GLU A 105 11.85 10.20 2.63
C GLU A 105 13.24 10.43 2.04
N ALA A 106 13.34 11.37 1.11
CA ALA A 106 14.64 11.74 0.55
C ALA A 106 15.52 12.37 1.61
N LEU A 107 14.90 13.10 2.53
CA LEU A 107 15.62 13.69 3.66
C LEU A 107 16.13 12.62 4.61
N ILE A 108 15.26 11.67 4.95
CA ILE A 108 15.61 10.56 5.81
C ILE A 108 16.76 9.75 5.20
N ALA A 109 16.65 9.52 3.90
CA ALA A 109 17.67 8.79 3.16
C ALA A 109 19.00 9.54 3.16
N THR A 110 18.96 10.85 2.91
CA THR A 110 20.15 11.67 2.87
C THR A 110 20.86 11.66 4.21
N LEU A 111 20.10 11.91 5.28
CA LEU A 111 20.63 11.92 6.64
C LEU A 111 21.26 10.58 7.01
N TYR A 112 20.66 9.50 6.54
CA TYR A 112 21.17 8.16 6.80
C TYR A 112 22.54 7.96 6.13
N ILE A 113 22.65 8.36 4.87
CA ILE A 113 23.86 8.15 4.08
C ILE A 113 25.04 9.02 4.56
N VAL A 114 24.75 10.22 5.07
CA VAL A 114 25.82 11.10 5.56
C VAL A 114 26.23 10.77 6.99
N ASP A 115 26.13 9.49 7.36
CA ASP A 115 26.55 9.00 8.65
C ASP A 115 25.81 9.73 9.78
N GLU A 116 24.56 10.07 9.52
CA GLU A 116 23.71 10.68 10.54
C GLU A 116 22.43 9.87 10.68
N VAL A 117 22.59 8.54 10.78
CA VAL A 117 21.49 7.62 10.95
C VAL A 117 20.62 8.01 12.14
N GLU A 118 21.27 8.50 13.19
CA GLU A 118 20.61 8.98 14.39
C GLU A 118 19.41 9.90 14.11
N GLU A 119 19.60 10.88 13.22
CA GLU A 119 18.57 11.88 12.96
C GLU A 119 17.63 11.46 11.83
N ALA A 120 18.03 10.43 11.10
CA ALA A 120 17.15 9.82 10.11
C ALA A 120 15.99 9.14 10.84
N ILE A 121 16.15 8.96 12.16
CA ILE A 121 15.14 8.35 12.99
C ILE A 121 14.14 9.38 13.51
N LYS A 122 14.64 10.47 14.08
CA LYS A 122 13.79 11.53 14.63
C LYS A 122 12.90 12.13 13.55
N LEU A 123 13.42 12.18 12.32
CA LEU A 123 12.67 12.70 11.18
C LEU A 123 11.61 11.70 10.74
N SER A 124 11.87 10.42 10.95
CA SER A 124 10.97 9.36 10.53
C SER A 124 9.73 9.26 11.41
N ASN A 125 9.72 9.99 12.52
CA ASN A 125 8.58 10.00 13.42
C ASN A 125 7.69 11.21 13.21
N VAL A 126 8.09 12.06 12.26
CA VAL A 126 7.28 13.21 11.85
C VAL A 126 6.04 12.71 11.11
N VAL A 127 6.22 11.61 10.39
CA VAL A 127 5.12 10.95 9.70
C VAL A 127 4.97 9.52 10.19
N LYS A 128 3.74 9.01 10.14
CA LYS A 128 3.42 7.70 10.70
C LYS A 128 4.04 6.55 9.90
N TRP A 129 4.35 6.83 8.64
CA TRP A 129 4.90 5.80 7.75
C TRP A 129 6.41 5.94 7.55
N GLY A 130 7.00 6.91 8.24
CA GLY A 130 8.44 7.12 8.19
C GLY A 130 9.20 5.88 8.66
N HIS A 131 8.63 5.18 9.63
CA HIS A 131 9.21 3.95 10.14
C HIS A 131 9.18 2.86 9.08
N THR A 132 8.11 2.84 8.30
CA THR A 132 7.94 1.85 7.25
C THR A 132 9.01 2.00 6.17
N PHE A 133 9.28 3.24 5.76
CA PHE A 133 10.29 3.51 4.74
C PHE A 133 11.67 3.04 5.17
N ILE A 134 12.00 3.25 6.43
CA ILE A 134 13.30 2.84 6.96
C ILE A 134 13.46 1.31 6.97
N GLU A 135 12.53 0.62 7.62
CA GLU A 135 12.65 -0.83 7.76
C GLU A 135 12.48 -1.57 6.42
N LEU A 136 11.82 -0.91 5.46
CA LEU A 136 11.69 -1.47 4.12
C LEU A 136 13.03 -1.47 3.37
N ASN A 137 13.85 -0.47 3.66
CA ASN A 137 15.16 -0.34 3.02
C ASN A 137 16.34 -0.34 3.99
N LYS A 138 16.16 -0.89 5.20
CA LYS A 138 17.12 -0.60 6.28
C LYS A 138 18.59 -0.99 6.04
N GLU A 139 18.86 -2.20 5.55
CA GLU A 139 20.26 -2.55 5.39
C GLU A 139 20.70 -2.09 4.00
N LEU A 140 19.73 -1.85 3.12
CA LEU A 140 20.05 -1.09 1.94
C LEU A 140 20.60 0.27 2.38
N LEU A 141 19.93 0.84 3.36
CA LEU A 141 20.35 2.08 3.99
C LEU A 141 21.66 1.85 4.77
N GLU A 142 21.81 0.68 5.36
CA GLU A 142 23.02 0.35 6.11
C GLU A 142 24.20 0.13 5.17
N ALA A 143 23.93 -0.51 4.03
CA ALA A 143 24.98 -0.72 3.02
C ALA A 143 25.36 0.60 2.36
N TYR A 144 24.49 1.59 2.47
CA TYR A 144 24.74 2.93 1.93
C TYR A 144 25.49 3.82 2.92
N LYS A 145 25.26 3.59 4.21
CA LYS A 145 25.71 4.51 5.25
C LYS A 145 27.23 4.63 5.36
N ASN A 146 27.69 5.89 5.31
CA ASN A 146 29.10 6.23 5.48
C ASN A 146 30.03 5.49 4.50
N LYS A 147 29.51 5.17 3.33
CA LYS A 147 30.30 4.53 2.29
C LYS A 147 30.63 5.54 1.20
N THR A 148 31.72 5.31 0.48
CA THR A 148 32.11 6.21 -0.61
C THR A 148 31.21 5.97 -1.81
N GLU A 149 31.06 6.98 -2.66
CA GLU A 149 30.11 6.94 -3.78
C GLU A 149 30.22 5.68 -4.63
N GLU A 150 31.44 5.31 -5.03
CA GLU A 150 31.66 4.13 -5.86
C GLU A 150 31.17 2.86 -5.16
N ASP A 151 31.44 2.79 -3.86
CA ASP A 151 30.96 1.69 -3.03
C ASP A 151 29.43 1.69 -2.94
N ILE A 152 28.83 2.89 -2.87
CA ILE A 152 27.37 3.02 -2.85
C ILE A 152 26.74 2.72 -4.22
N LYS A 153 27.46 3.03 -5.29
CA LYS A 153 26.86 2.94 -6.62
C LYS A 153 26.80 1.50 -7.14
N LYS A 154 27.84 0.71 -6.84
CA LYS A 154 27.87 -0.67 -7.30
C LYS A 154 26.71 -1.50 -6.77
N ILE A 155 26.31 -1.22 -5.53
CA ILE A 155 25.19 -1.89 -4.90
C ILE A 155 23.89 -1.55 -5.60
N GLU A 156 23.77 -0.27 -5.99
CA GLU A 156 22.57 0.19 -6.68
C GLU A 156 22.38 -0.56 -7.99
N ARG A 157 23.48 -0.90 -8.64
CA ARG A 157 23.43 -1.62 -9.91
C ARG A 157 23.01 -3.08 -9.71
N GLU A 158 23.43 -3.65 -8.58
CA GLU A 158 23.14 -5.06 -8.28
C GLU A 158 21.64 -5.33 -8.10
N ILE A 159 21.00 -4.53 -7.27
CA ILE A 159 19.57 -4.69 -7.00
C ILE A 159 18.75 -4.69 -8.28
N ILE A 160 19.07 -3.78 -9.19
CA ILE A 160 18.35 -3.67 -10.45
C ILE A 160 18.43 -4.96 -11.25
N MET B 1 -21.13 0.17 -22.98
CA MET B 1 -19.89 0.35 -23.75
C MET B 1 -19.29 -1.00 -24.13
N LYS B 2 -18.44 -0.98 -25.16
CA LYS B 2 -17.67 -2.16 -25.53
C LYS B 2 -16.47 -2.30 -24.60
N VAL B 3 -16.42 -3.40 -23.86
CA VAL B 3 -15.30 -3.66 -22.97
C VAL B 3 -14.58 -4.92 -23.41
N TYR B 4 -13.24 -4.87 -23.45
CA TYR B 4 -12.44 -5.99 -23.93
C TYR B 4 -11.40 -6.40 -22.90
N ILE B 5 -11.09 -7.70 -22.88
CA ILE B 5 -10.03 -8.23 -22.02
C ILE B 5 -8.97 -8.91 -22.87
N ILE B 6 -7.71 -8.68 -22.56
CA ILE B 6 -6.59 -9.33 -23.24
C ILE B 6 -6.68 -10.86 -23.13
N ASP B 7 -6.45 -11.52 -24.26
CA ASP B 7 -6.69 -12.96 -24.42
C ASP B 7 -5.47 -13.81 -24.06
N TYR B 8 -4.93 -13.65 -22.86
CA TYR B 8 -3.84 -14.52 -22.39
C TYR B 8 -4.30 -15.30 -21.15
N HIS B 9 -5.28 -16.18 -21.34
CA HIS B 9 -5.91 -16.88 -20.21
C HIS B 9 -5.38 -18.32 -20.10
N LYS B 10 -6.21 -19.28 -19.67
CA LYS B 10 -5.77 -20.67 -19.32
C LYS B 10 -4.96 -20.64 -18.03
N CYS B 16 -6.76 -14.73 -15.06
CA CYS B 16 -7.32 -14.20 -13.81
C CYS B 16 -8.09 -12.91 -14.04
N THR B 17 -7.35 -11.84 -14.35
CA THR B 17 -7.91 -10.50 -14.49
C THR B 17 -9.01 -10.41 -15.55
N GLY B 18 -10.15 -9.85 -15.17
CA GLY B 18 -11.22 -9.56 -16.11
C GLY B 18 -12.20 -10.68 -16.38
N LYS B 19 -11.88 -11.90 -15.96
CA LYS B 19 -12.70 -13.06 -16.29
C LYS B 19 -14.11 -12.96 -15.69
N LYS B 20 -14.24 -12.27 -14.55
CA LYS B 20 -15.56 -11.98 -14.00
C LYS B 20 -16.40 -11.18 -14.99
N LEU B 21 -15.77 -10.21 -15.65
CA LEU B 21 -16.47 -9.34 -16.58
C LEU B 21 -16.96 -10.10 -17.80
N VAL B 22 -16.20 -11.11 -18.22
CA VAL B 22 -16.62 -11.96 -19.32
C VAL B 22 -17.81 -12.83 -18.88
N LYS B 23 -17.74 -13.35 -17.66
CA LYS B 23 -18.82 -14.16 -17.10
C LYS B 23 -20.11 -13.35 -16.93
N LEU B 24 -19.95 -12.07 -16.60
CA LEU B 24 -21.09 -11.18 -16.42
C LEU B 24 -21.58 -10.61 -17.73
N LYS B 25 -20.97 -11.05 -18.83
CA LYS B 25 -21.30 -10.58 -20.19
C LYS B 25 -21.08 -9.07 -20.35
N ILE B 26 -20.19 -8.51 -19.53
CA ILE B 26 -19.86 -7.09 -19.61
C ILE B 26 -18.72 -6.88 -20.59
N ALA B 27 -17.87 -7.89 -20.73
CA ALA B 27 -16.71 -7.80 -21.58
C ALA B 27 -16.51 -9.07 -22.39
N GLU B 28 -15.68 -8.98 -23.42
CA GLU B 28 -15.31 -10.14 -24.23
C GLU B 28 -13.80 -10.15 -24.44
N PHE B 29 -13.23 -11.33 -24.67
CA PHE B 29 -11.80 -11.45 -24.90
C PHE B 29 -11.40 -10.97 -26.29
N THR B 30 -10.19 -10.41 -26.40
CA THR B 30 -9.58 -10.06 -27.68
C THR B 30 -8.09 -10.29 -27.65
N ARG B 31 -7.49 -10.48 -28.83
CA ARG B 31 -6.04 -10.64 -28.94
C ARG B 31 -5.38 -9.33 -29.34
N VAL B 32 -6.20 -8.35 -29.71
CA VAL B 32 -5.71 -7.03 -30.12
C VAL B 32 -6.34 -5.94 -29.26
N GLY B 33 -5.50 -5.03 -28.76
CA GLY B 33 -5.97 -3.93 -27.94
C GLY B 33 -6.83 -2.95 -28.72
N LYS B 34 -7.92 -2.50 -28.11
CA LYS B 34 -8.85 -1.58 -28.76
C LYS B 34 -9.23 -0.43 -27.83
N GLY B 35 -9.41 0.75 -28.41
CA GLY B 35 -9.94 1.89 -27.68
C GLY B 35 -9.03 2.37 -26.60
N VAL B 36 -9.61 2.75 -25.45
CA VAL B 36 -8.81 3.19 -24.32
C VAL B 36 -8.26 2.01 -23.54
N VAL B 37 -6.94 1.87 -23.53
CA VAL B 37 -6.30 0.80 -22.77
C VAL B 37 -5.95 1.30 -21.37
N LEU B 38 -6.55 0.68 -20.36
CA LEU B 38 -6.28 1.07 -18.99
C LEU B 38 -4.92 0.55 -18.59
N ASP B 39 -4.05 1.48 -18.20
CA ASP B 39 -2.65 1.18 -17.99
C ASP B 39 -2.11 2.14 -16.94
N PRO B 40 -1.78 1.62 -15.75
CA PRO B 40 -1.31 2.44 -14.64
C PRO B 40 0.07 3.06 -14.89
N PHE B 41 0.75 2.62 -15.95
CA PHE B 41 2.08 3.12 -16.28
C PHE B 41 2.05 4.19 -17.36
N ALA B 42 0.89 4.37 -17.98
CA ALA B 42 0.74 5.30 -19.11
C ALA B 42 1.06 6.73 -18.72
N GLN B 43 1.60 7.49 -19.68
CA GLN B 43 2.01 8.86 -19.42
C GLN B 43 0.85 9.83 -19.56
N ILE B 44 -0.18 9.41 -20.28
CA ILE B 44 -1.40 10.20 -20.38
C ILE B 44 -2.45 9.72 -19.39
N THR B 45 -2.95 10.64 -18.58
CA THR B 45 -4.00 10.37 -17.61
C THR B 45 -5.38 10.48 -18.28
N LEU B 46 -6.28 9.56 -17.93
CA LEU B 46 -7.64 9.54 -18.46
C LEU B 46 -8.37 10.84 -18.17
N SER B 47 -9.11 11.36 -19.15
CA SER B 47 -9.85 12.61 -18.97
C SER B 47 -11.03 12.69 -19.94
N ASN B 48 -11.66 13.86 -20.00
CA ASN B 48 -12.84 14.09 -20.85
C ASN B 48 -12.53 13.93 -22.34
N LYS B 49 -11.26 14.07 -22.71
CA LYS B 49 -10.83 13.89 -24.09
C LYS B 49 -11.02 12.46 -24.57
N ASP B 50 -11.26 11.55 -23.62
CA ASP B 50 -11.40 10.14 -23.93
C ASP B 50 -12.86 9.71 -24.05
N LYS B 51 -13.78 10.65 -23.87
CA LYS B 51 -15.21 10.39 -24.04
C LYS B 51 -15.51 9.67 -25.34
N ASP B 52 -15.02 10.23 -26.45
CA ASP B 52 -15.35 9.75 -27.78
C ASP B 52 -14.78 8.37 -28.06
N ILE B 53 -13.54 8.14 -27.67
CA ILE B 53 -12.91 6.85 -27.90
C ILE B 53 -13.65 5.74 -27.14
N VAL B 54 -14.08 6.06 -25.92
CA VAL B 54 -14.78 5.11 -25.08
C VAL B 54 -16.19 4.80 -25.62
N ARG B 55 -16.90 5.86 -26.01
CA ARG B 55 -18.27 5.70 -26.48
C ARG B 55 -18.33 5.09 -27.89
N ARG B 56 -17.24 5.19 -28.64
CA ARG B 56 -17.22 4.75 -30.03
C ARG B 56 -16.51 3.41 -30.20
N ILE B 57 -15.34 3.25 -29.60
CA ILE B 57 -14.57 2.02 -29.73
C ILE B 57 -14.68 1.17 -28.46
N GLY B 58 -14.37 1.77 -27.31
CA GLY B 58 -14.53 1.09 -26.04
C GLY B 58 -13.35 1.13 -25.09
N ILE B 59 -13.29 0.14 -24.21
CA ILE B 59 -12.27 0.06 -23.18
C ILE B 59 -11.60 -1.31 -23.21
N THR B 60 -10.29 -1.33 -23.06
CA THR B 60 -9.53 -2.58 -23.01
C THR B 60 -8.88 -2.73 -21.64
N ILE B 61 -9.11 -3.87 -21.00
CA ILE B 61 -8.49 -4.16 -19.72
C ILE B 61 -7.42 -5.23 -19.90
N VAL B 62 -6.26 -5.00 -19.29
CA VAL B 62 -5.12 -5.88 -19.45
C VAL B 62 -4.85 -6.69 -18.18
N ASP B 63 -4.57 -7.98 -18.36
CA ASP B 63 -4.22 -8.85 -17.24
C ASP B 63 -3.00 -8.34 -16.48
N THR B 64 -3.03 -8.47 -15.16
CA THR B 64 -1.94 -8.00 -14.33
C THR B 64 -1.80 -8.82 -13.05
N THR B 69 3.07 -7.77 -12.87
CA THR B 69 2.78 -6.42 -12.41
C THR B 69 3.87 -5.44 -12.84
N SER B 70 4.30 -5.54 -14.10
CA SER B 70 5.33 -4.63 -14.62
C SER B 70 4.92 -4.05 -15.96
N GLN B 71 5.61 -2.99 -16.39
CA GLN B 71 5.24 -2.27 -17.59
C GLN B 71 5.40 -3.12 -18.85
N SER B 72 6.36 -4.05 -18.82
CA SER B 72 6.64 -4.92 -19.96
C SER B 72 5.39 -5.62 -20.50
N GLU B 73 4.42 -5.86 -19.62
CA GLU B 73 3.16 -6.49 -20.02
C GLU B 73 2.23 -5.51 -20.73
N PHE B 74 2.66 -4.26 -20.87
CA PHE B 74 1.82 -3.22 -21.47
C PHE B 74 2.39 -2.62 -22.75
N LYS B 75 3.71 -2.67 -22.88
CA LYS B 75 4.40 -1.95 -23.97
C LYS B 75 3.99 -2.37 -25.37
N ASN B 76 3.51 -3.60 -25.53
CA ASN B 76 3.18 -4.11 -26.85
C ASN B 76 1.68 -4.24 -27.10
N ILE B 77 0.88 -3.46 -26.37
CA ILE B 77 -0.57 -3.50 -26.54
C ILE B 77 -1.09 -2.26 -27.24
N ARG B 78 -1.85 -2.47 -28.31
CA ARG B 78 -2.37 -1.39 -29.12
C ARG B 78 -3.52 -0.66 -28.44
N GLY B 79 -3.83 0.54 -28.93
CA GLY B 79 -4.89 1.34 -28.35
C GLY B 79 -4.33 2.55 -27.63
N GLU B 80 -5.22 3.38 -27.11
CA GLU B 80 -4.80 4.59 -26.40
C GLU B 80 -4.63 4.31 -24.91
N HIS B 81 -3.38 4.21 -24.47
CA HIS B 81 -3.08 3.91 -23.08
C HIS B 81 -3.39 5.09 -22.17
N ARG B 82 -4.24 4.84 -21.17
CA ARG B 82 -4.59 5.89 -20.21
C ARG B 82 -4.45 5.34 -18.80
N ARG B 83 -3.94 6.17 -17.90
CA ARG B 83 -3.87 5.79 -16.50
C ARG B 83 -5.01 6.44 -15.72
N ILE B 84 -5.60 5.68 -14.82
CA ILE B 84 -6.64 6.19 -13.95
C ILE B 84 -6.02 6.99 -12.82
N PRO B 85 -6.49 8.23 -12.61
CA PRO B 85 -6.02 9.08 -11.50
C PRO B 85 -6.39 8.46 -10.15
N ILE B 86 -5.73 8.93 -9.09
CA ILE B 86 -5.84 8.27 -7.79
C ILE B 86 -7.28 8.13 -7.29
N LEU B 87 -7.62 6.88 -6.93
CA LEU B 87 -8.89 6.52 -6.31
C LEU B 87 -8.61 5.43 -5.30
N PHE B 88 -9.46 5.30 -4.29
CA PHE B 88 -9.23 4.32 -3.24
C PHE B 88 -10.18 3.15 -3.40
N ALA B 89 -9.67 1.94 -3.29
CA ALA B 89 -10.47 0.73 -3.49
C ALA B 89 -11.65 0.66 -2.53
N GLY B 90 -12.76 0.11 -3.01
CA GLY B 90 -13.93 -0.09 -2.16
C GLY B 90 -14.25 -1.56 -1.93
N ASN B 91 -13.52 -2.43 -2.60
CA ASN B 91 -13.74 -3.87 -2.46
C ASN B 91 -13.28 -4.36 -1.08
N PRO B 92 -13.79 -5.52 -0.63
CA PRO B 92 -13.49 -5.95 0.74
C PRO B 92 -12.03 -6.27 0.98
N ILE B 93 -11.30 -6.67 -0.06
CA ILE B 93 -9.91 -7.09 0.09
C ILE B 93 -8.95 -5.93 0.38
N HIS B 94 -8.96 -4.92 -0.48
CA HIS B 94 -7.99 -3.83 -0.40
C HIS B 94 -8.62 -2.51 0.01
N TYR B 95 -9.71 -2.56 0.75
CA TYR B 95 -10.49 -1.38 1.12
C TYR B 95 -9.65 -0.23 1.64
N GLY B 96 -9.78 0.93 1.00
CA GLY B 96 -9.09 2.13 1.43
C GLY B 96 -7.74 2.37 0.78
N ILE B 97 -7.23 1.40 0.04
CA ILE B 97 -5.89 1.50 -0.53
C ILE B 97 -5.90 2.22 -1.89
N ALA B 98 -4.95 3.15 -2.06
CA ALA B 98 -4.86 3.96 -3.26
C ALA B 98 -4.47 3.14 -4.49
N TYR B 99 -5.11 3.44 -5.62
CA TYR B 99 -4.75 2.91 -6.94
C TYR B 99 -5.06 1.43 -7.18
N LYS B 100 -5.20 0.65 -6.13
CA LYS B 100 -5.32 -0.80 -6.31
C LYS B 100 -6.76 -1.22 -6.54
N LEU B 101 -7.25 -0.96 -7.75
CA LEU B 101 -8.62 -1.28 -8.13
C LEU B 101 -8.70 -2.63 -8.84
N SER B 102 -9.71 -3.42 -8.48
CA SER B 102 -10.10 -4.57 -9.31
C SER B 102 -10.52 -4.09 -10.69
N SER B 103 -10.63 -5.00 -11.64
CA SER B 103 -11.01 -4.65 -13.00
C SER B 103 -12.37 -3.95 -13.11
N ILE B 104 -13.36 -4.37 -12.32
CA ILE B 104 -14.68 -3.76 -12.45
C ILE B 104 -14.70 -2.38 -11.79
N GLU B 105 -13.89 -2.19 -10.75
CA GLU B 105 -13.74 -0.88 -10.14
C GLU B 105 -13.07 0.10 -11.11
N ALA B 106 -12.14 -0.42 -11.91
CA ALA B 106 -11.41 0.41 -12.87
C ALA B 106 -12.36 0.81 -13.98
N LEU B 107 -13.20 -0.13 -14.37
CA LEU B 107 -14.24 0.10 -15.36
C LEU B 107 -15.27 1.14 -14.87
N ILE B 108 -15.74 0.97 -13.63
CA ILE B 108 -16.66 1.94 -13.03
C ILE B 108 -16.05 3.34 -13.00
N ALA B 109 -14.80 3.42 -12.53
CA ALA B 109 -14.06 4.67 -12.47
C ALA B 109 -13.93 5.33 -13.83
N THR B 110 -13.65 4.53 -14.85
CA THR B 110 -13.44 5.05 -16.20
C THR B 110 -14.73 5.63 -16.76
N LEU B 111 -15.83 4.91 -16.59
CA LEU B 111 -17.15 5.39 -17.02
C LEU B 111 -17.53 6.68 -16.31
N TYR B 112 -17.25 6.75 -15.01
CA TYR B 112 -17.59 7.93 -14.22
C TYR B 112 -16.81 9.17 -14.70
N ILE B 113 -15.53 8.99 -14.99
CA ILE B 113 -14.64 10.10 -15.32
C ILE B 113 -14.97 10.69 -16.71
N VAL B 114 -15.36 9.85 -17.65
CA VAL B 114 -15.79 10.31 -18.96
C VAL B 114 -17.29 10.64 -19.00
N ASP B 115 -17.88 10.93 -17.83
CA ASP B 115 -19.24 11.46 -17.69
C ASP B 115 -20.34 10.46 -18.08
N GLU B 116 -20.06 9.16 -17.93
CA GLU B 116 -21.08 8.13 -18.08
C GLU B 116 -21.50 7.63 -16.70
N VAL B 117 -22.00 8.54 -15.87
CA VAL B 117 -22.31 8.24 -14.49
C VAL B 117 -23.35 7.13 -14.32
N GLU B 118 -24.43 7.20 -15.11
CA GLU B 118 -25.50 6.20 -15.04
C GLU B 118 -24.98 4.79 -15.32
N GLU B 119 -24.15 4.67 -16.36
CA GLU B 119 -23.53 3.39 -16.71
C GLU B 119 -22.60 2.90 -15.60
N ALA B 120 -21.93 3.83 -14.93
CA ALA B 120 -21.02 3.50 -13.85
C ALA B 120 -21.79 2.93 -12.68
N ILE B 121 -22.85 3.65 -12.29
CA ILE B 121 -23.74 3.23 -11.23
C ILE B 121 -24.40 1.89 -11.53
N LYS B 122 -24.80 1.72 -12.79
CA LYS B 122 -25.39 0.45 -13.22
C LYS B 122 -24.45 -0.71 -12.97
N LEU B 123 -23.20 -0.56 -13.40
CA LEU B 123 -22.19 -1.59 -13.19
C LEU B 123 -21.87 -1.80 -11.72
N SER B 124 -21.92 -0.75 -10.92
CA SER B 124 -21.57 -0.84 -9.50
C SER B 124 -22.54 -1.72 -8.71
N ASN B 125 -23.67 -2.08 -9.30
CA ASN B 125 -24.65 -2.89 -8.60
C ASN B 125 -24.66 -4.35 -9.01
N VAL B 126 -23.79 -4.74 -9.93
CA VAL B 126 -23.66 -6.14 -10.29
C VAL B 126 -22.78 -6.91 -9.30
N VAL B 127 -22.03 -6.17 -8.47
CA VAL B 127 -21.33 -6.79 -7.35
C VAL B 127 -21.78 -6.13 -6.05
N LYS B 128 -21.85 -6.93 -5.00
CA LYS B 128 -22.42 -6.51 -3.73
C LYS B 128 -21.71 -5.30 -3.12
N TRP B 129 -20.41 -5.19 -3.36
CA TRP B 129 -19.60 -4.15 -2.75
C TRP B 129 -19.32 -2.98 -3.69
N GLY B 130 -19.84 -3.05 -4.91
CA GLY B 130 -19.60 -2.02 -5.91
C GLY B 130 -20.06 -0.63 -5.49
N HIS B 131 -21.13 -0.58 -4.72
CA HIS B 131 -21.67 0.70 -4.24
C HIS B 131 -20.72 1.34 -3.22
N THR B 132 -19.98 0.51 -2.50
CA THR B 132 -19.01 1.00 -1.52
C THR B 132 -17.91 1.80 -2.21
N PHE B 133 -17.46 1.34 -3.37
CA PHE B 133 -16.44 2.05 -4.14
C PHE B 133 -16.89 3.44 -4.55
N ILE B 134 -18.15 3.57 -4.98
CA ILE B 134 -18.65 4.85 -5.42
C ILE B 134 -18.90 5.79 -4.24
N GLU B 135 -19.40 5.25 -3.13
CA GLU B 135 -19.62 6.05 -1.92
C GLU B 135 -18.32 6.60 -1.34
N LEU B 136 -17.30 5.75 -1.26
CA LEU B 136 -16.01 6.14 -0.70
C LEU B 136 -15.33 7.21 -1.55
N ASN B 137 -15.51 7.14 -2.87
CA ASN B 137 -14.85 8.05 -3.80
C ASN B 137 -15.78 9.08 -4.46
N LYS B 138 -16.97 9.27 -3.89
CA LYS B 138 -18.00 10.13 -4.47
C LYS B 138 -17.51 11.54 -4.78
N GLU B 139 -17.05 12.24 -3.75
CA GLU B 139 -16.45 13.57 -3.86
C GLU B 139 -15.39 13.64 -4.96
N LEU B 140 -14.60 12.57 -5.04
CA LEU B 140 -13.44 12.50 -5.91
C LEU B 140 -13.83 12.22 -7.36
N LEU B 141 -14.68 11.22 -7.54
CA LEU B 141 -15.23 10.91 -8.86
C LEU B 141 -15.97 12.11 -9.44
N GLU B 142 -16.60 12.90 -8.58
CA GLU B 142 -17.31 14.11 -9.00
C GLU B 142 -16.34 15.20 -9.44
N ALA B 143 -15.21 15.29 -8.76
CA ALA B 143 -14.19 16.26 -9.09
C ALA B 143 -13.55 15.92 -10.45
N TYR B 144 -13.17 14.65 -10.62
CA TYR B 144 -12.58 14.19 -11.87
C TYR B 144 -13.53 14.34 -13.06
N LYS B 145 -14.83 14.25 -12.79
CA LYS B 145 -15.86 14.15 -13.82
C LYS B 145 -15.86 15.34 -14.80
N ASN B 146 -15.83 15.02 -16.08
CA ASN B 146 -15.95 16.00 -17.16
C ASN B 146 -14.90 17.11 -17.10
N LYS B 147 -13.68 16.76 -16.72
CA LYS B 147 -12.61 17.75 -16.60
C LYS B 147 -11.42 17.40 -17.48
N THR B 148 -10.52 18.35 -17.68
CA THR B 148 -9.35 18.13 -18.54
C THR B 148 -8.25 17.36 -17.82
N GLU B 149 -7.29 16.87 -18.59
CA GLU B 149 -6.19 16.10 -18.03
C GLU B 149 -5.38 16.89 -17.00
N GLU B 150 -5.12 18.16 -17.28
CA GLU B 150 -4.35 19.00 -16.36
C GLU B 150 -5.13 19.24 -15.08
N ASP B 151 -6.40 19.59 -15.21
CA ASP B 151 -7.28 19.78 -14.06
C ASP B 151 -7.31 18.55 -13.18
N ILE B 152 -7.43 17.39 -13.82
CA ILE B 152 -7.46 16.12 -13.11
C ILE B 152 -6.15 15.86 -12.37
N LYS B 153 -5.02 16.06 -13.05
CA LYS B 153 -3.72 15.83 -12.45
C LYS B 153 -3.43 16.82 -11.33
N LYS B 154 -4.00 18.01 -11.44
CA LYS B 154 -3.88 18.99 -10.36
C LYS B 154 -4.64 18.50 -9.12
N ILE B 155 -5.81 17.90 -9.33
CA ILE B 155 -6.62 17.35 -8.25
C ILE B 155 -5.94 16.14 -7.61
N GLU B 156 -5.49 15.21 -8.46
CA GLU B 156 -4.77 14.02 -8.01
C GLU B 156 -3.58 14.38 -7.14
N ARG B 157 -2.86 15.43 -7.54
CA ARG B 157 -1.66 15.84 -6.84
C ARG B 157 -1.94 16.36 -5.42
N GLU B 158 -2.98 17.16 -5.29
CA GLU B 158 -3.33 17.75 -4.00
C GLU B 158 -3.78 16.69 -2.99
N ILE B 159 -4.41 15.62 -3.49
CA ILE B 159 -4.82 14.51 -2.65
C ILE B 159 -3.61 13.75 -2.13
N ILE B 160 -2.68 13.45 -3.03
CA ILE B 160 -1.42 12.84 -2.65
C ILE B 160 -0.71 13.70 -1.63
N GLU B 161 -0.70 15.02 -1.87
CA GLU B 161 -0.08 15.96 -0.94
C GLU B 161 -0.66 15.94 0.46
N LYS B 162 -1.98 16.06 0.56
CA LYS B 162 -2.62 16.18 1.88
C LYS B 162 -2.54 14.87 2.66
N ILE B 163 -2.37 13.76 1.95
CA ILE B 163 -2.12 12.48 2.60
C ILE B 163 -0.66 12.42 3.06
N LEU B 164 0.25 12.74 2.15
CA LEU B 164 1.67 12.74 2.47
C LEU B 164 2.05 13.96 3.31
N GLU B 165 2.11 15.12 2.65
CA GLU B 165 2.61 16.34 3.30
C GLU B 165 1.57 16.99 4.20
N LYS B 166 1.13 16.25 5.23
CA LYS B 166 0.20 16.77 6.23
C LYS B 166 0.06 15.77 7.37
N MET C 1 -6.61 -22.71 26.00
CA MET C 1 -5.26 -22.34 25.59
C MET C 1 -4.78 -21.09 26.32
N LYS C 2 -3.50 -21.05 26.64
CA LYS C 2 -2.90 -19.90 27.32
C LYS C 2 -2.82 -18.70 26.38
N VAL C 3 -3.28 -17.54 26.83
CA VAL C 3 -3.28 -16.35 25.99
C VAL C 3 -2.62 -15.18 26.70
N TYR C 4 -1.70 -14.51 26.00
CA TYR C 4 -0.96 -13.42 26.60
C TYR C 4 -1.13 -12.14 25.79
N ILE C 5 -1.37 -11.04 26.47
CA ILE C 5 -1.52 -9.76 25.79
C ILE C 5 -0.45 -8.76 26.21
N ILE C 6 0.25 -8.22 25.23
CA ILE C 6 1.21 -7.15 25.45
C ILE C 6 0.47 -5.83 25.69
N ASP C 7 0.83 -5.13 26.76
CA ASP C 7 0.17 -3.86 27.12
C ASP C 7 0.50 -2.76 26.11
N GLY C 18 -9.39 -4.33 22.87
CA GLY C 18 -9.25 -4.08 24.30
C GLY C 18 -8.55 -5.20 25.02
N LYS C 19 -8.45 -5.11 26.34
CA LYS C 19 -7.83 -6.14 27.15
C LYS C 19 -8.90 -6.93 27.87
N LYS C 20 -10.11 -6.92 27.30
CA LYS C 20 -11.30 -7.50 27.94
C LYS C 20 -11.11 -8.94 28.42
N LEU C 21 -10.14 -9.62 27.82
CA LEU C 21 -9.98 -11.07 27.99
C LEU C 21 -9.18 -11.47 29.23
N VAL C 22 -8.92 -10.52 30.13
CA VAL C 22 -8.18 -10.87 31.35
C VAL C 22 -9.02 -10.72 32.61
N LYS C 23 -10.11 -9.96 32.54
CA LYS C 23 -11.10 -9.92 33.61
C LYS C 23 -11.83 -11.25 33.66
N LEU C 24 -12.10 -11.80 32.48
CA LEU C 24 -12.78 -13.06 32.33
C LEU C 24 -11.76 -14.19 32.44
N LYS C 25 -10.56 -13.82 32.91
CA LYS C 25 -9.43 -14.73 33.06
C LYS C 25 -9.21 -15.63 31.85
N ILE C 26 -9.42 -15.07 30.67
CA ILE C 26 -9.15 -15.78 29.42
C ILE C 26 -7.70 -15.56 29.03
N ALA C 27 -7.25 -14.32 29.23
CA ALA C 27 -5.88 -13.94 28.91
C ALA C 27 -5.20 -13.33 30.12
N GLU C 28 -3.91 -13.05 29.98
CA GLU C 28 -3.12 -12.45 31.04
C GLU C 28 -2.01 -11.59 30.45
N PHE C 29 -1.69 -10.48 31.11
CA PHE C 29 -0.67 -9.57 30.63
C PHE C 29 0.73 -10.17 30.67
N THR C 30 1.62 -9.59 29.86
CA THR C 30 3.00 -10.00 29.80
C THR C 30 3.81 -8.85 29.21
N ARG C 31 5.07 -8.75 29.62
CA ARG C 31 5.95 -7.77 29.03
C ARG C 31 6.77 -8.45 27.93
N VAL C 32 6.84 -9.77 28.00
CA VAL C 32 7.58 -10.55 27.01
C VAL C 32 6.65 -11.49 26.26
N GLY C 33 6.88 -11.64 24.95
CA GLY C 33 6.05 -12.50 24.13
C GLY C 33 6.34 -13.96 24.35
N LYS C 34 5.31 -14.80 24.22
CA LYS C 34 5.44 -16.24 24.40
C LYS C 34 4.73 -16.99 23.28
N GLY C 35 5.30 -18.13 22.87
CA GLY C 35 4.67 -19.01 21.89
C GLY C 35 4.41 -18.35 20.54
N VAL C 36 3.24 -18.60 19.97
CA VAL C 36 2.88 -18.00 18.69
C VAL C 36 2.47 -16.55 18.87
N VAL C 37 3.17 -15.66 18.19
CA VAL C 37 2.83 -14.26 18.21
C VAL C 37 2.06 -13.93 16.93
N LEU C 38 0.80 -13.51 17.09
CA LEU C 38 -0.05 -13.20 15.96
C LEU C 38 0.38 -11.87 15.36
N ASP C 39 0.93 -11.94 14.15
CA ASP C 39 1.61 -10.81 13.52
C ASP C 39 1.20 -10.72 12.06
N PRO C 40 0.42 -9.69 11.70
CA PRO C 40 -0.04 -9.52 10.33
C PRO C 40 1.11 -9.18 9.35
N PHE C 41 2.27 -8.78 9.89
CA PHE C 41 3.44 -8.51 9.05
C PHE C 41 4.42 -9.68 8.98
N ALA C 42 4.08 -10.78 9.65
CA ALA C 42 4.92 -11.98 9.62
C ALA C 42 4.91 -12.63 8.24
N GLN C 43 6.01 -13.30 7.88
CA GLN C 43 6.14 -13.93 6.57
C GLN C 43 5.72 -15.39 6.61
N ILE C 44 5.58 -15.94 7.80
CA ILE C 44 5.07 -17.29 7.96
C ILE C 44 3.58 -17.24 8.31
N THR C 45 2.79 -18.05 7.62
CA THR C 45 1.35 -18.06 7.85
C THR C 45 0.97 -19.19 8.80
N LEU C 46 0.14 -18.85 9.78
CA LEU C 46 -0.40 -19.82 10.73
C LEU C 46 -0.95 -21.07 10.05
N SER C 47 -0.63 -22.24 10.59
CA SER C 47 -1.06 -23.52 10.02
C SER C 47 -1.09 -24.58 11.10
N ASN C 48 -1.17 -25.85 10.70
CA ASN C 48 -1.27 -26.94 11.67
C ASN C 48 0.09 -27.27 12.28
N LYS C 49 1.14 -26.69 11.73
CA LYS C 49 2.49 -26.84 12.27
C LYS C 49 2.62 -26.07 13.59
N ASP C 50 1.65 -25.22 13.88
CA ASP C 50 1.71 -24.37 15.05
C ASP C 50 0.85 -24.93 16.18
N LYS C 51 0.21 -26.06 15.92
CA LYS C 51 -0.64 -26.73 16.91
C LYS C 51 0.09 -27.01 18.23
N ASP C 52 1.21 -27.72 18.14
CA ASP C 52 1.98 -28.11 19.32
C ASP C 52 2.38 -26.89 20.15
N ILE C 53 2.81 -25.84 19.47
CA ILE C 53 3.24 -24.62 20.14
C ILE C 53 2.10 -23.88 20.82
N VAL C 54 0.96 -23.78 20.12
CA VAL C 54 -0.21 -23.13 20.69
C VAL C 54 -0.68 -23.91 21.91
N ARG C 55 -0.68 -25.23 21.81
CA ARG C 55 -1.09 -26.10 22.92
C ARG C 55 -0.16 -26.00 24.15
N ARG C 56 1.15 -26.11 23.93
CA ARG C 56 2.11 -26.17 25.04
C ARG C 56 2.41 -24.81 25.68
N ILE C 57 2.63 -23.79 24.84
CA ILE C 57 3.07 -22.48 25.32
C ILE C 57 1.95 -21.45 25.26
N GLY C 58 1.24 -21.42 24.13
CA GLY C 58 0.12 -20.51 24.00
C GLY C 58 0.31 -19.44 22.94
N ILE C 59 -0.44 -18.35 23.09
CA ILE C 59 -0.54 -17.32 22.06
C ILE C 59 -0.34 -15.94 22.65
N THR C 60 0.48 -15.14 21.98
CA THR C 60 0.69 -13.76 22.36
C THR C 60 0.05 -12.83 21.33
N ILE C 61 -0.73 -11.87 21.79
CA ILE C 61 -1.30 -10.87 20.88
C ILE C 61 -1.02 -9.46 21.38
N VAL C 62 -0.78 -8.56 20.44
CA VAL C 62 -0.54 -7.16 20.76
C VAL C 62 -1.83 -6.38 20.65
N ASP C 63 -2.35 -5.91 21.78
CA ASP C 63 -3.62 -5.19 21.79
C ASP C 63 -3.45 -3.76 21.30
N THR C 64 -3.36 -3.62 19.98
CA THR C 64 -3.25 -2.31 19.36
C THR C 64 -4.32 -2.16 18.29
N SER C 65 -4.56 -0.93 17.86
CA SER C 65 -5.59 -0.65 16.87
C SER C 65 -5.05 -0.81 15.46
N TRP C 66 -5.89 -0.56 14.47
CA TRP C 66 -5.48 -0.70 13.08
C TRP C 66 -5.12 0.64 12.46
N ASN C 67 -4.86 1.63 13.32
CA ASN C 67 -4.46 2.95 12.88
C ASN C 67 -3.02 3.24 13.25
N ASN C 68 -2.66 2.87 14.48
CA ASN C 68 -1.32 3.12 15.00
C ASN C 68 -0.40 1.92 14.79
N THR C 69 -0.99 0.80 14.41
CA THR C 69 -0.22 -0.40 14.07
C THR C 69 0.80 -0.07 12.98
N SER C 70 1.95 -0.74 13.05
CA SER C 70 3.02 -0.66 12.05
C SER C 70 3.89 -1.85 12.38
N GLN C 71 4.77 -2.28 11.49
CA GLN C 71 5.64 -3.41 11.82
C GLN C 71 6.60 -2.99 12.93
N SER C 72 6.56 -1.69 13.25
CA SER C 72 7.23 -1.12 14.43
C SER C 72 6.93 -1.92 15.70
N GLU C 73 5.65 -2.03 16.03
CA GLU C 73 5.23 -2.64 17.29
C GLU C 73 5.35 -4.17 17.33
N PHE C 74 5.72 -4.77 16.21
CA PHE C 74 5.78 -6.23 16.14
C PHE C 74 7.21 -6.74 15.95
N LYS C 75 8.15 -5.82 15.72
CA LYS C 75 9.53 -6.20 15.43
C LYS C 75 10.21 -6.98 16.55
N ASN C 76 10.44 -6.32 17.68
CA ASN C 76 11.24 -6.91 18.75
C ASN C 76 10.40 -7.58 19.84
N ILE C 77 9.33 -8.25 19.41
CA ILE C 77 8.55 -9.07 20.34
C ILE C 77 9.00 -10.52 20.22
N ARG C 78 9.32 -11.12 21.36
CA ARG C 78 9.77 -12.50 21.40
C ARG C 78 8.64 -13.46 21.02
N GLY C 79 8.97 -14.51 20.30
CA GLY C 79 8.00 -15.55 20.00
C GLY C 79 8.06 -16.00 18.55
N GLU C 80 7.22 -16.97 18.20
CA GLU C 80 7.09 -17.40 16.81
C GLU C 80 6.03 -16.57 16.11
N HIS C 81 6.44 -15.77 15.14
CA HIS C 81 5.55 -14.86 14.45
C HIS C 81 4.75 -15.57 13.37
N ARG C 82 3.43 -15.43 13.43
CA ARG C 82 2.56 -16.01 12.42
C ARG C 82 1.52 -15.01 11.97
N ARG C 83 1.17 -15.07 10.68
CA ARG C 83 0.11 -14.23 10.16
C ARG C 83 -1.16 -15.06 9.97
N ILE C 84 -2.29 -14.46 10.32
CA ILE C 84 -3.57 -15.11 10.09
C ILE C 84 -3.97 -14.93 8.63
N PRO C 85 -4.33 -16.04 7.96
CA PRO C 85 -4.78 -15.97 6.56
C PRO C 85 -6.04 -15.12 6.43
N ILE C 86 -6.35 -14.66 5.22
CA ILE C 86 -7.42 -13.69 5.03
C ILE C 86 -8.76 -14.14 5.62
N LEU C 87 -9.30 -13.28 6.46
CA LEU C 87 -10.63 -13.43 7.04
C LEU C 87 -11.24 -12.05 7.08
N PHE C 88 -12.55 -11.97 7.25
CA PHE C 88 -13.22 -10.68 7.22
C PHE C 88 -13.74 -10.32 8.60
N ALA C 89 -13.49 -9.08 9.01
CA ALA C 89 -13.92 -8.59 10.30
C ALA C 89 -15.43 -8.70 10.49
N GLY C 90 -15.85 -9.01 11.70
CA GLY C 90 -17.26 -9.07 12.05
C GLY C 90 -17.61 -7.98 13.05
N ASN C 91 -16.59 -7.34 13.61
CA ASN C 91 -16.81 -6.25 14.56
C ASN C 91 -17.43 -5.06 13.83
N PRO C 92 -18.23 -4.25 14.55
CA PRO C 92 -18.97 -3.16 13.90
C PRO C 92 -18.08 -2.11 13.24
N ILE C 93 -16.89 -1.90 13.79
CA ILE C 93 -15.99 -0.86 13.30
C ILE C 93 -15.45 -1.15 11.90
N HIS C 94 -15.03 -2.38 11.67
CA HIS C 94 -14.42 -2.75 10.40
C HIS C 94 -15.17 -3.85 9.66
N TYR C 95 -16.47 -3.98 9.94
CA TYR C 95 -17.27 -5.08 9.38
C TYR C 95 -17.11 -5.24 7.87
N GLY C 96 -16.87 -6.48 7.43
CA GLY C 96 -16.72 -6.80 6.02
C GLY C 96 -15.32 -6.63 5.46
N ILE C 97 -14.47 -5.90 6.16
CA ILE C 97 -13.12 -5.61 5.65
C ILE C 97 -12.16 -6.75 5.99
N ALA C 98 -11.35 -7.14 5.00
CA ALA C 98 -10.43 -8.26 5.15
C ALA C 98 -9.24 -7.89 6.05
N TYR C 99 -8.77 -8.89 6.80
CA TYR C 99 -7.54 -8.80 7.59
C TYR C 99 -7.68 -7.97 8.87
N LYS C 100 -8.56 -6.97 8.88
CA LYS C 100 -8.60 -6.04 10.01
C LYS C 100 -9.34 -6.62 11.21
N LEU C 101 -8.81 -7.71 11.74
CA LEU C 101 -9.44 -8.41 12.86
C LEU C 101 -9.13 -7.74 14.19
N SER C 102 -10.07 -7.80 15.12
CA SER C 102 -9.80 -7.39 16.49
C SER C 102 -8.96 -8.45 17.18
N SER C 103 -8.58 -8.20 18.42
CA SER C 103 -7.77 -9.15 19.17
C SER C 103 -8.53 -10.46 19.40
N ILE C 104 -9.79 -10.36 19.79
CA ILE C 104 -10.57 -11.55 20.09
C ILE C 104 -10.88 -12.34 18.81
N GLU C 105 -11.05 -11.63 17.70
CA GLU C 105 -11.31 -12.26 16.41
C GLU C 105 -10.08 -13.02 15.92
N ALA C 106 -8.91 -12.45 16.15
CA ALA C 106 -7.66 -13.12 15.83
C ALA C 106 -7.55 -14.41 16.64
N LEU C 107 -7.88 -14.31 17.92
CA LEU C 107 -7.84 -15.48 18.81
C LEU C 107 -8.83 -16.56 18.37
N ILE C 108 -10.04 -16.16 18.00
CA ILE C 108 -11.05 -17.10 17.52
C ILE C 108 -10.54 -17.87 16.29
N ALA C 109 -9.98 -17.11 15.36
CA ALA C 109 -9.45 -17.67 14.12
C ALA C 109 -8.31 -18.66 14.37
N THR C 110 -7.41 -18.28 15.28
CA THR C 110 -6.31 -19.16 15.64
C THR C 110 -6.83 -20.48 16.20
N LEU C 111 -7.78 -20.39 17.13
CA LEU C 111 -8.36 -21.59 17.72
C LEU C 111 -8.98 -22.49 16.66
N TYR C 112 -9.72 -21.87 15.74
CA TYR C 112 -10.39 -22.61 14.67
C TYR C 112 -9.38 -23.33 13.78
N ILE C 113 -8.34 -22.62 13.35
CA ILE C 113 -7.34 -23.18 12.45
C ILE C 113 -6.50 -24.27 13.13
N VAL C 114 -6.26 -24.09 14.42
CA VAL C 114 -5.48 -25.05 15.21
C VAL C 114 -6.35 -26.25 15.63
N ASP C 115 -7.58 -26.30 15.09
CA ASP C 115 -8.54 -27.39 15.32
C ASP C 115 -9.09 -27.39 16.75
N GLU C 116 -9.43 -26.21 17.25
CA GLU C 116 -10.09 -26.09 18.55
C GLU C 116 -11.41 -25.35 18.38
N VAL C 117 -12.27 -25.91 17.52
CA VAL C 117 -13.53 -25.28 17.13
C VAL C 117 -14.46 -25.02 18.31
N GLU C 118 -14.53 -25.98 19.23
CA GLU C 118 -15.38 -25.83 20.41
C GLU C 118 -14.97 -24.62 21.23
N GLU C 119 -13.67 -24.47 21.48
CA GLU C 119 -13.18 -23.32 22.24
C GLU C 119 -13.31 -22.02 21.43
N ALA C 120 -13.09 -22.10 20.12
CA ALA C 120 -13.30 -20.95 19.24
C ALA C 120 -14.72 -20.39 19.38
N ILE C 121 -15.70 -21.27 19.29
CA ILE C 121 -17.10 -20.85 19.33
C ILE C 121 -17.50 -20.33 20.71
N LYS C 122 -17.04 -21.00 21.77
CA LYS C 122 -17.29 -20.54 23.13
C LYS C 122 -16.72 -19.15 23.33
N LEU C 123 -15.50 -18.93 22.85
CA LEU C 123 -14.84 -17.63 22.96
C LEU C 123 -15.62 -16.55 22.20
N SER C 124 -16.19 -16.90 21.05
CA SER C 124 -16.91 -15.91 20.24
C SER C 124 -18.13 -15.34 20.97
N ASN C 125 -18.65 -16.09 21.93
CA ASN C 125 -19.83 -15.65 22.67
C ASN C 125 -19.48 -14.75 23.86
N VAL C 126 -18.22 -14.33 23.92
CA VAL C 126 -17.78 -13.34 24.90
C VAL C 126 -18.25 -11.95 24.47
N VAL C 127 -18.13 -11.66 23.17
CA VAL C 127 -18.69 -10.43 22.61
C VAL C 127 -19.94 -10.76 21.78
N LYS C 128 -20.89 -9.83 21.75
CA LYS C 128 -22.19 -10.09 21.14
C LYS C 128 -22.12 -10.22 19.62
N TRP C 129 -21.09 -9.64 19.02
CA TRP C 129 -20.89 -9.74 17.58
C TRP C 129 -19.86 -10.82 17.22
N GLY C 130 -19.47 -11.61 18.21
CA GLY C 130 -18.54 -12.70 17.97
C GLY C 130 -19.12 -13.77 17.06
N HIS C 131 -20.40 -14.06 17.22
CA HIS C 131 -21.07 -15.05 16.37
C HIS C 131 -21.13 -14.56 14.93
N THR C 132 -21.17 -13.24 14.76
CA THR C 132 -21.19 -12.63 13.43
C THR C 132 -19.90 -12.94 12.68
N PHE C 133 -18.77 -12.80 13.36
CA PHE C 133 -17.48 -13.10 12.77
C PHE C 133 -17.41 -14.55 12.28
N ILE C 134 -17.91 -15.48 13.09
CA ILE C 134 -17.85 -16.90 12.75
C ILE C 134 -18.78 -17.25 11.61
N GLU C 135 -20.00 -16.71 11.64
CA GLU C 135 -20.95 -16.93 10.56
C GLU C 135 -20.45 -16.34 9.24
N LEU C 136 -19.94 -15.11 9.30
CA LEU C 136 -19.42 -14.46 8.12
C LEU C 136 -18.31 -15.27 7.46
N ASN C 137 -17.43 -15.85 8.29
CA ASN C 137 -16.25 -16.56 7.77
C ASN C 137 -16.31 -18.08 7.82
N LYS C 138 -17.50 -18.63 8.06
CA LYS C 138 -17.67 -20.06 8.33
C LYS C 138 -16.98 -20.98 7.32
N GLU C 139 -17.17 -20.70 6.03
CA GLU C 139 -16.61 -21.55 4.99
C GLU C 139 -15.08 -21.47 4.97
N LEU C 140 -14.55 -20.27 5.23
CA LEU C 140 -13.12 -20.05 5.25
C LEU C 140 -12.46 -20.75 6.43
N LEU C 141 -12.99 -20.48 7.63
CA LEU C 141 -12.53 -21.14 8.84
C LEU C 141 -12.50 -22.66 8.68
N GLU C 142 -13.55 -23.22 8.09
CA GLU C 142 -13.62 -24.66 7.87
C GLU C 142 -12.59 -25.15 6.86
N ALA C 143 -12.32 -24.33 5.84
CA ALA C 143 -11.31 -24.68 4.84
C ALA C 143 -9.90 -24.60 5.43
N TYR C 144 -9.67 -23.59 6.27
CA TYR C 144 -8.37 -23.38 6.89
C TYR C 144 -8.03 -24.44 7.95
N LYS C 145 -9.06 -24.93 8.64
CA LYS C 145 -8.90 -25.80 9.80
C LYS C 145 -8.02 -27.02 9.55
N ASN C 146 -6.97 -27.16 10.36
CA ASN C 146 -6.14 -28.35 10.32
C ASN C 146 -5.47 -28.56 8.97
N LYS C 147 -4.97 -27.47 8.37
CA LYS C 147 -4.31 -27.57 7.07
C LYS C 147 -2.88 -27.05 7.11
N THR C 148 -2.06 -27.48 6.17
CA THR C 148 -0.67 -27.04 6.11
C THR C 148 -0.60 -25.59 5.68
N GLU C 149 0.59 -25.00 5.76
CA GLU C 149 0.77 -23.60 5.42
C GLU C 149 0.58 -23.37 3.92
N GLU C 150 1.13 -24.25 3.11
CA GLU C 150 1.08 -24.06 1.67
C GLU C 150 -0.35 -24.27 1.16
N ASP C 151 -1.12 -25.13 1.84
CA ASP C 151 -2.53 -25.30 1.49
C ASP C 151 -3.30 -24.02 1.81
N ILE C 152 -3.09 -23.52 3.02
CA ILE C 152 -3.78 -22.33 3.49
C ILE C 152 -3.47 -21.12 2.60
N LYS C 153 -2.23 -20.99 2.17
CA LYS C 153 -1.84 -19.89 1.28
C LYS C 153 -2.54 -19.97 -0.08
N LYS C 154 -2.76 -21.19 -0.58
CA LYS C 154 -3.46 -21.38 -1.85
C LYS C 154 -4.96 -21.07 -1.73
N ILE C 155 -5.55 -21.47 -0.61
CA ILE C 155 -6.93 -21.11 -0.32
C ILE C 155 -7.08 -19.59 -0.27
N GLU C 156 -6.14 -18.96 0.43
CA GLU C 156 -6.10 -17.51 0.58
C GLU C 156 -6.03 -16.82 -0.79
N ARG C 157 -5.21 -17.37 -1.67
CA ARG C 157 -5.04 -16.82 -3.02
C ARG C 157 -6.30 -16.98 -3.85
N GLU C 158 -6.94 -18.13 -3.73
CA GLU C 158 -8.13 -18.44 -4.52
C GLU C 158 -9.32 -17.56 -4.15
N ILE C 159 -9.52 -17.33 -2.85
CA ILE C 159 -10.67 -16.53 -2.41
C ILE C 159 -10.53 -15.07 -2.82
N ILE C 160 -9.29 -14.57 -2.89
CA ILE C 160 -9.05 -13.19 -3.27
C ILE C 160 -9.37 -13.00 -4.75
N GLU C 161 -8.84 -13.88 -5.58
CA GLU C 161 -9.07 -13.84 -7.02
C GLU C 161 -10.54 -14.04 -7.35
N LYS C 162 -11.19 -14.95 -6.63
CA LYS C 162 -12.61 -15.24 -6.82
C LYS C 162 -13.46 -13.99 -6.62
N ILE C 163 -13.25 -13.30 -5.51
CA ILE C 163 -13.98 -12.09 -5.19
C ILE C 163 -13.68 -10.94 -6.15
N LEU C 164 -12.40 -10.74 -6.46
CA LEU C 164 -11.96 -9.56 -7.20
C LEU C 164 -12.05 -9.68 -8.72
N GLU C 165 -11.79 -10.86 -9.27
CA GLU C 165 -11.55 -10.97 -10.71
C GLU C 165 -12.26 -12.12 -11.43
N LYS C 166 -12.87 -13.03 -10.67
CA LYS C 166 -13.49 -14.21 -11.28
C LYS C 166 -14.99 -14.34 -10.98
#